data_1E0Q
#
_entry.id   1E0Q
#
_cell.length_a   1.000
_cell.length_b   1.000
_cell.length_c   1.000
_cell.angle_alpha   90.00
_cell.angle_beta   90.00
_cell.angle_gamma   90.00
#
_symmetry.space_group_name_H-M   'P 1'
#
_entity_poly.entity_id   1
_entity_poly.type   'polypeptide(L)'
_entity_poly.pdbx_seq_one_letter_code
;MQIFVKTLDGKTITLEV
;
_entity_poly.pdbx_strand_id   A
#
# COMPACT_ATOMS: atom_id res chain seq x y z
N MET A 1 -8.51 3.62 10.71
CA MET A 1 -7.03 3.79 10.48
C MET A 1 -6.63 3.50 9.01
N GLN A 2 -5.73 4.42 8.46
CA GLN A 2 -5.17 4.36 7.08
C GLN A 2 -3.62 4.37 7.13
N ILE A 3 -3.01 3.36 6.40
CA ILE A 3 -1.53 3.12 6.27
C ILE A 3 -1.21 2.58 4.85
N PHE A 4 -0.32 3.36 4.12
CA PHE A 4 0.13 3.11 2.71
C PHE A 4 1.42 2.25 2.63
N VAL A 5 1.45 1.38 1.54
CA VAL A 5 2.58 0.44 1.19
C VAL A 5 2.84 0.38 -0.34
N LYS A 6 4.17 0.52 -0.72
CA LYS A 6 4.68 0.52 -2.13
C LYS A 6 5.83 -0.52 -2.33
N THR A 7 5.82 -1.15 -3.58
CA THR A 7 6.81 -2.19 -4.06
C THR A 7 7.61 -1.67 -5.29
N LEU A 8 8.94 -2.11 -5.36
CA LEU A 8 9.94 -1.76 -6.46
C LEU A 8 9.61 -2.39 -7.87
N ASP A 9 8.70 -3.47 -7.87
CA ASP A 9 8.21 -4.23 -9.09
C ASP A 9 7.24 -3.40 -9.98
N GLY A 10 6.31 -2.57 -9.30
CA GLY A 10 5.31 -1.69 -9.96
C GLY A 10 3.87 -1.97 -9.54
N LYS A 11 3.60 -1.80 -8.18
CA LYS A 11 2.25 -1.99 -7.51
C LYS A 11 1.98 -0.88 -6.45
N THR A 12 0.66 -0.43 -6.39
CA THR A 12 0.12 0.60 -5.43
C THR A 12 -1.30 0.17 -4.95
N ILE A 13 -1.38 -0.09 -3.58
CA ILE A 13 -2.63 -0.56 -2.83
C ILE A 13 -2.58 -0.15 -1.33
N THR A 14 -3.79 0.29 -0.79
CA THR A 14 -3.99 0.75 0.64
C THR A 14 -4.24 -0.45 1.60
N LEU A 15 -3.65 -0.30 2.86
CA LEU A 15 -3.77 -1.27 3.98
C LEU A 15 -4.67 -0.62 5.07
N GLU A 16 -5.96 -1.16 5.12
CA GLU A 16 -7.06 -0.68 6.02
C GLU A 16 -7.70 -1.85 6.82
N VAL A 17 -8.08 -1.52 8.13
CA VAL A 17 -8.73 -2.47 9.12
C VAL A 17 -9.96 -1.82 9.82
N MET A 1 -8.73 3.33 10.40
CA MET A 1 -7.27 3.59 10.22
C MET A 1 -6.82 3.42 8.75
N GLN A 2 -5.83 4.32 8.33
CA GLN A 2 -5.20 4.36 6.99
C GLN A 2 -3.65 4.39 7.12
N ILE A 3 -2.99 3.44 6.37
CA ILE A 3 -1.49 3.21 6.31
C ILE A 3 -1.10 2.67 4.90
N PHE A 4 -0.20 3.46 4.21
CA PHE A 4 0.31 3.21 2.83
C PHE A 4 1.59 2.34 2.79
N VAL A 5 1.64 1.45 1.71
CA VAL A 5 2.78 0.47 1.42
C VAL A 5 2.95 0.29 -0.12
N LYS A 6 4.27 0.38 -0.57
CA LYS A 6 4.70 0.23 -2.00
C LYS A 6 5.68 -0.98 -2.19
N THR A 7 5.48 -1.67 -3.38
CA THR A 7 6.27 -2.89 -3.84
C THR A 7 7.59 -2.51 -4.57
N LEU A 8 7.57 -1.32 -5.34
CA LEU A 8 8.70 -0.68 -6.20
C LEU A 8 8.89 -1.39 -7.59
N ASP A 9 8.33 -2.68 -7.73
CA ASP A 9 8.35 -3.53 -8.97
C ASP A 9 7.37 -3.02 -10.08
N GLY A 10 6.13 -2.54 -9.62
CA GLY A 10 5.05 -1.99 -10.52
C GLY A 10 3.62 -2.20 -10.00
N LYS A 11 3.41 -2.00 -8.62
CA LYS A 11 2.09 -2.13 -7.89
C LYS A 11 1.95 -1.08 -6.76
N THR A 12 0.66 -0.55 -6.60
CA THR A 12 0.24 0.45 -5.56
C THR A 12 -1.18 0.09 -5.04
N ILE A 13 -1.26 -0.15 -3.67
CA ILE A 13 -2.51 -0.56 -2.90
C ILE A 13 -2.42 -0.16 -1.39
N THR A 14 -3.60 0.36 -0.84
CA THR A 14 -3.77 0.81 0.59
C THR A 14 -4.04 -0.38 1.55
N LEU A 15 -3.43 -0.25 2.80
CA LEU A 15 -3.57 -1.22 3.91
C LEU A 15 -4.46 -0.54 5.00
N GLU A 16 -5.75 -1.06 5.07
CA GLU A 16 -6.83 -0.56 5.96
C GLU A 16 -7.45 -1.68 6.84
N VAL A 17 -7.80 -1.29 8.14
CA VAL A 17 -8.42 -2.19 9.19
C VAL A 17 -9.84 -1.72 9.59
N MET A 1 -8.09 3.18 10.72
CA MET A 1 -6.67 3.56 10.41
C MET A 1 -6.30 3.25 8.93
N GLN A 2 -5.44 4.19 8.36
CA GLN A 2 -4.90 4.13 6.97
C GLN A 2 -3.36 4.32 6.99
N ILE A 3 -2.66 3.33 6.30
CA ILE A 3 -1.16 3.25 6.16
C ILE A 3 -0.81 2.60 4.78
N PHE A 4 -0.06 3.42 3.95
CA PHE A 4 0.39 3.08 2.55
C PHE A 4 1.69 2.25 2.53
N VAL A 5 1.73 1.27 1.53
CA VAL A 5 2.87 0.32 1.27
C VAL A 5 3.08 0.13 -0.27
N LYS A 6 4.39 0.31 -0.72
CA LYS A 6 4.84 0.19 -2.14
C LYS A 6 6.00 -0.82 -2.33
N THR A 7 5.92 -1.56 -3.50
CA THR A 7 6.90 -2.62 -3.96
C THR A 7 8.05 -2.03 -4.85
N LEU A 8 7.70 -0.90 -5.63
CA LEU A 8 8.56 -0.09 -6.61
C LEU A 8 9.10 -0.99 -7.82
N ASP A 9 8.07 -1.66 -8.50
CA ASP A 9 8.21 -2.56 -9.69
C ASP A 9 7.05 -2.32 -10.71
N GLY A 10 5.77 -2.16 -10.14
CA GLY A 10 4.50 -1.90 -10.90
C GLY A 10 3.24 -2.33 -10.15
N LYS A 11 3.23 -2.12 -8.75
CA LYS A 11 2.12 -2.47 -7.79
C LYS A 11 1.98 -1.44 -6.64
N THR A 12 0.68 -1.21 -6.20
CA THR A 12 0.25 -0.29 -5.08
C THR A 12 -0.91 -0.94 -4.28
N ILE A 13 -0.68 -1.03 -2.90
CA ILE A 13 -1.63 -1.66 -1.90
C ILE A 13 -1.73 -0.77 -0.58
N THR A 14 -3.03 -0.56 -0.12
CA THR A 14 -3.41 0.22 1.11
C THR A 14 -3.94 -0.70 2.25
N LEU A 15 -3.62 -0.28 3.55
CA LEU A 15 -4.04 -0.95 4.79
C LEU A 15 -5.24 -0.14 5.37
N GLU A 16 -6.48 -0.76 5.19
CA GLU A 16 -7.80 -0.18 5.58
C GLU A 16 -8.62 -1.13 6.49
N VAL A 17 -9.36 -0.49 7.48
CA VAL A 17 -10.23 -1.17 8.49
C VAL A 17 -11.72 -1.23 7.97
N MET A 1 -8.77 3.00 10.30
CA MET A 1 -7.35 3.42 10.09
C MET A 1 -6.87 3.14 8.64
N GLN A 2 -5.99 4.11 8.14
CA GLN A 2 -5.35 4.09 6.80
C GLN A 2 -3.81 4.28 6.94
N ILE A 3 -3.06 3.31 6.26
CA ILE A 3 -1.56 3.21 6.19
C ILE A 3 -1.14 2.66 4.81
N PHE A 4 -0.31 3.51 4.09
CA PHE A 4 0.20 3.27 2.70
C PHE A 4 1.53 2.46 2.67
N VAL A 5 1.63 1.55 1.62
CA VAL A 5 2.82 0.64 1.34
C VAL A 5 3.01 0.47 -0.20
N LYS A 6 4.33 0.66 -0.65
CA LYS A 6 4.77 0.56 -2.07
C LYS A 6 5.83 -0.57 -2.29
N THR A 7 5.72 -1.23 -3.51
CA THR A 7 6.61 -2.35 -4.01
C THR A 7 7.48 -1.89 -5.21
N LEU A 8 8.76 -2.45 -5.26
CA LEU A 8 9.83 -2.17 -6.32
C LEU A 8 9.45 -2.67 -7.77
N ASP A 9 8.41 -3.61 -7.86
CA ASP A 9 7.86 -4.22 -9.13
C ASP A 9 7.05 -3.20 -10.01
N GLY A 10 6.28 -2.26 -9.32
CA GLY A 10 5.45 -1.19 -9.96
C GLY A 10 3.95 -1.37 -9.77
N LYS A 11 3.52 -1.56 -8.45
CA LYS A 11 2.08 -1.74 -8.01
C LYS A 11 1.83 -1.06 -6.63
N THR A 12 0.69 -0.26 -6.56
CA THR A 12 0.23 0.50 -5.34
C THR A 12 -1.14 -0.04 -4.83
N ILE A 13 -1.19 -0.27 -3.45
CA ILE A 13 -2.39 -0.79 -2.67
C ILE A 13 -2.39 -0.28 -1.20
N THR A 14 -3.64 0.11 -0.70
CA THR A 14 -3.90 0.64 0.69
C THR A 14 -4.13 -0.51 1.70
N LEU A 15 -3.58 -0.30 2.96
CA LEU A 15 -3.71 -1.22 4.12
C LEU A 15 -4.63 -0.53 5.17
N GLU A 16 -5.91 -1.05 5.21
CA GLU A 16 -7.03 -0.54 6.07
C GLU A 16 -7.61 -1.64 7.01
N VAL A 17 -7.98 -1.18 8.27
CA VAL A 17 -8.56 -2.03 9.39
C VAL A 17 -9.80 -1.36 10.04
N MET A 1 -7.92 3.14 11.03
CA MET A 1 -6.52 3.51 10.68
C MET A 1 -6.18 3.19 9.20
N GLN A 2 -5.32 4.11 8.59
CA GLN A 2 -4.81 4.02 7.19
C GLN A 2 -3.27 4.17 7.19
N ILE A 3 -2.60 3.15 6.52
CA ILE A 3 -1.10 3.02 6.36
C ILE A 3 -0.78 2.45 4.96
N PHE A 4 0.05 3.25 4.19
CA PHE A 4 0.50 2.96 2.79
C PHE A 4 1.77 2.08 2.72
N VAL A 5 1.77 1.17 1.68
CA VAL A 5 2.87 0.19 1.34
C VAL A 5 3.01 0.11 -0.20
N LYS A 6 4.27 0.48 -0.69
CA LYS A 6 4.65 0.55 -2.14
C LYS A 6 5.98 -0.20 -2.46
N THR A 7 6.02 -0.80 -3.71
CA THR A 7 7.18 -1.55 -4.30
C THR A 7 7.57 -0.95 -5.71
N LEU A 8 8.92 -0.96 -5.99
CA LEU A 8 9.57 -0.45 -7.26
C LEU A 8 9.33 -1.37 -8.53
N ASP A 9 8.74 -2.61 -8.30
CA ASP A 9 8.39 -3.66 -9.36
C ASP A 9 7.19 -3.22 -10.26
N GLY A 10 6.17 -2.50 -9.64
CA GLY A 10 4.94 -1.99 -10.33
C GLY A 10 3.64 -2.45 -9.68
N LYS A 11 3.51 -2.19 -8.30
CA LYS A 11 2.32 -2.54 -7.44
C LYS A 11 2.05 -1.43 -6.39
N THR A 12 0.70 -1.21 -6.09
CA THR A 12 0.17 -0.22 -5.08
C THR A 12 -1.01 -0.88 -4.29
N ILE A 13 -0.80 -0.94 -2.90
CA ILE A 13 -1.75 -1.57 -1.91
C ILE A 13 -1.83 -0.71 -0.58
N THR A 14 -3.12 -0.46 -0.13
CA THR A 14 -3.49 0.32 1.12
C THR A 14 -4.06 -0.62 2.22
N LEU A 15 -3.73 -0.25 3.53
CA LEU A 15 -4.20 -0.95 4.75
C LEU A 15 -5.39 -0.12 5.33
N GLU A 16 -6.64 -0.67 5.05
CA GLU A 16 -7.96 -0.05 5.41
C GLU A 16 -8.85 -1.04 6.23
N VAL A 17 -9.61 -0.43 7.23
CA VAL A 17 -10.56 -1.16 8.17
C VAL A 17 -11.98 -1.29 7.55
N MET A 1 -8.23 5.00 10.33
CA MET A 1 -6.79 4.88 9.98
C MET A 1 -6.58 4.23 8.58
N GLN A 2 -5.47 4.71 7.88
CA GLN A 2 -5.01 4.25 6.53
C GLN A 2 -3.49 4.01 6.56
N ILE A 3 -3.09 2.78 6.06
CA ILE A 3 -1.69 2.30 6.00
C ILE A 3 -1.32 1.89 4.52
N PHE A 4 -0.32 2.65 3.94
CA PHE A 4 0.20 2.49 2.54
C PHE A 4 1.61 1.86 2.49
N VAL A 5 1.81 0.99 1.42
CA VAL A 5 3.10 0.25 1.11
C VAL A 5 3.36 0.21 -0.43
N LYS A 6 4.65 0.57 -0.81
CA LYS A 6 5.15 0.63 -2.22
C LYS A 6 6.27 -0.42 -2.50
N THR A 7 6.23 -0.96 -3.78
CA THR A 7 7.18 -1.99 -4.34
C THR A 7 7.91 -1.46 -5.62
N LEU A 8 9.23 -1.88 -5.78
CA LEU A 8 10.17 -1.51 -6.93
C LEU A 8 9.70 -2.03 -8.35
N ASP A 9 8.74 -3.05 -8.35
CA ASP A 9 8.12 -3.70 -9.59
C ASP A 9 7.14 -2.75 -10.34
N GLY A 10 6.35 -1.89 -9.54
CA GLY A 10 5.38 -0.90 -10.07
C GLY A 10 3.91 -1.23 -9.73
N LYS A 11 3.64 -1.49 -8.39
CA LYS A 11 2.27 -1.82 -7.81
C LYS A 11 2.09 -1.19 -6.40
N THR A 12 0.88 -0.53 -6.20
CA THR A 12 0.45 0.16 -4.92
C THR A 12 -0.82 -0.51 -4.33
N ILE A 13 -0.77 -0.71 -2.95
CA ILE A 13 -1.88 -1.35 -2.11
C ILE A 13 -1.95 -0.77 -0.67
N THR A 14 -3.24 -0.55 -0.19
CA THR A 14 -3.59 -0.01 1.17
C THR A 14 -4.59 -0.95 1.93
N LEU A 15 -4.40 -0.99 3.31
CA LEU A 15 -5.21 -1.78 4.27
C LEU A 15 -5.84 -0.87 5.36
N GLU A 16 -7.18 -1.14 5.65
CA GLU A 16 -8.02 -0.40 6.64
C GLU A 16 -8.69 -1.35 7.66
N VAL A 17 -8.77 -0.85 8.96
CA VAL A 17 -9.37 -1.57 10.16
C VAL A 17 -10.91 -1.36 10.24
N MET A 1 -8.26 3.15 10.60
CA MET A 1 -6.89 3.73 10.36
C MET A 1 -6.39 3.46 8.90
N GLN A 2 -5.75 4.55 8.30
CA GLN A 2 -5.15 4.54 6.94
C GLN A 2 -3.60 4.56 7.04
N ILE A 3 -2.96 3.53 6.35
CA ILE A 3 -1.48 3.30 6.29
C ILE A 3 -1.11 2.71 4.89
N PHE A 4 -0.20 3.48 4.17
CA PHE A 4 0.29 3.20 2.79
C PHE A 4 1.56 2.31 2.77
N VAL A 5 1.60 1.40 1.70
CA VAL A 5 2.73 0.41 1.42
C VAL A 5 2.92 0.24 -0.12
N LYS A 6 4.25 0.34 -0.55
CA LYS A 6 4.71 0.22 -1.97
C LYS A 6 5.71 -0.96 -2.17
N THR A 7 5.57 -1.64 -3.37
CA THR A 7 6.38 -2.83 -3.85
C THR A 7 7.68 -2.39 -4.60
N LEU A 8 7.59 -1.21 -5.39
CA LEU A 8 8.67 -0.54 -6.26
C LEU A 8 8.85 -1.25 -7.67
N ASP A 9 8.36 -2.56 -7.78
CA ASP A 9 8.40 -3.43 -9.01
C ASP A 9 7.37 -2.99 -10.10
N GLY A 10 6.11 -2.56 -9.64
CA GLY A 10 5.00 -2.08 -10.50
C GLY A 10 3.59 -2.33 -9.95
N LYS A 11 3.40 -2.10 -8.58
CA LYS A 11 2.10 -2.25 -7.81
C LYS A 11 1.96 -1.18 -6.70
N THR A 12 0.66 -0.69 -6.52
CA THR A 12 0.24 0.34 -5.50
C THR A 12 -1.18 -0.03 -4.97
N ILE A 13 -1.26 -0.24 -3.60
CA ILE A 13 -2.51 -0.64 -2.81
C ILE A 13 -2.42 -0.20 -1.33
N THR A 14 -3.61 0.31 -0.78
CA THR A 14 -3.80 0.80 0.63
C THR A 14 -4.08 -0.37 1.62
N LEU A 15 -3.48 -0.22 2.88
CA LEU A 15 -3.64 -1.16 4.01
C LEU A 15 -4.57 -0.49 5.07
N GLU A 16 -5.86 -0.99 5.07
CA GLU A 16 -6.98 -0.51 5.93
C GLU A 16 -7.67 -1.65 6.73
N VAL A 17 -8.10 -1.31 8.01
CA VAL A 17 -8.79 -2.24 9.00
C VAL A 17 -10.32 -2.34 8.72
N MET A 1 -8.16 4.94 10.46
CA MET A 1 -6.72 4.81 10.09
C MET A 1 -6.53 4.18 8.67
N GLN A 2 -5.42 4.67 7.97
CA GLN A 2 -4.98 4.23 6.62
C GLN A 2 -3.45 3.98 6.63
N ILE A 3 -3.08 2.75 6.11
CA ILE A 3 -1.68 2.24 6.03
C ILE A 3 -1.35 1.84 4.54
N PHE A 4 -0.33 2.58 3.94
CA PHE A 4 0.15 2.43 2.54
C PHE A 4 1.54 1.76 2.45
N VAL A 5 1.69 0.90 1.37
CA VAL A 5 2.94 0.11 1.02
C VAL A 5 3.22 0.16 -0.52
N LYS A 6 4.53 0.47 -0.87
CA LYS A 6 5.05 0.58 -2.26
C LYS A 6 6.18 -0.45 -2.56
N THR A 7 6.16 -0.96 -3.86
CA THR A 7 7.12 -1.96 -4.45
C THR A 7 7.89 -1.36 -5.67
N LEU A 8 9.22 -1.79 -5.81
CA LEU A 8 10.18 -1.36 -6.91
C LEU A 8 9.79 -1.89 -8.35
N ASP A 9 8.90 -2.98 -8.40
CA ASP A 9 8.37 -3.63 -9.66
C ASP A 9 7.32 -2.75 -10.40
N GLY A 10 6.43 -2.01 -9.61
CA GLY A 10 5.38 -1.10 -10.12
C GLY A 10 3.97 -1.47 -9.66
N LYS A 11 3.79 -1.62 -8.28
CA LYS A 11 2.49 -1.96 -7.60
C LYS A 11 2.28 -1.11 -6.30
N THR A 12 0.97 -0.71 -6.08
CA THR A 12 0.48 0.11 -4.92
C THR A 12 -0.86 -0.47 -4.38
N ILE A 13 -0.89 -0.71 -2.99
CA ILE A 13 -2.05 -1.29 -2.20
C ILE A 13 -2.09 -0.76 -0.74
N THR A 14 -3.36 -0.45 -0.26
CA THR A 14 -3.67 0.06 1.12
C THR A 14 -4.68 -0.89 1.88
N LEU A 15 -4.48 -0.96 3.25
CA LEU A 15 -5.28 -1.75 4.22
C LEU A 15 -5.88 -0.84 5.33
N GLU A 16 -7.22 -1.10 5.63
CA GLU A 16 -8.04 -0.36 6.65
C GLU A 16 -8.70 -1.31 7.69
N VAL A 17 -8.75 -0.82 8.99
CA VAL A 17 -9.34 -1.54 10.18
C VAL A 17 -10.71 -0.96 10.59
N MET A 1 -8.18 4.64 10.47
CA MET A 1 -6.73 4.52 10.10
C MET A 1 -6.53 3.95 8.66
N GLN A 2 -5.42 4.47 8.00
CA GLN A 2 -4.97 4.09 6.63
C GLN A 2 -3.44 3.84 6.64
N ILE A 3 -3.06 2.63 6.07
CA ILE A 3 -1.66 2.13 5.98
C ILE A 3 -1.30 1.80 4.48
N PHE A 4 -0.29 2.59 3.94
CA PHE A 4 0.23 2.50 2.54
C PHE A 4 1.63 1.87 2.45
N VAL A 5 1.82 1.02 1.36
CA VAL A 5 3.10 0.27 1.03
C VAL A 5 3.33 0.24 -0.51
N LYS A 6 4.62 0.59 -0.92
CA LYS A 6 5.09 0.66 -2.34
C LYS A 6 6.24 -0.35 -2.63
N THR A 7 6.20 -0.92 -3.89
CA THR A 7 7.18 -1.93 -4.45
C THR A 7 7.91 -1.35 -5.70
N LEU A 8 9.25 -1.75 -5.84
CA LEU A 8 10.20 -1.33 -6.97
C LEU A 8 9.79 -1.88 -8.39
N ASP A 9 8.90 -2.97 -8.42
CA ASP A 9 8.37 -3.65 -9.66
C ASP A 9 7.30 -2.80 -10.41
N GLY A 10 6.39 -2.08 -9.60
CA GLY A 10 5.31 -1.19 -10.13
C GLY A 10 3.92 -1.58 -9.64
N LYS A 11 3.75 -1.65 -8.25
CA LYS A 11 2.48 -2.01 -7.53
C LYS A 11 2.25 -1.11 -6.28
N THR A 12 0.92 -0.74 -6.05
CA THR A 12 0.43 0.09 -4.90
C THR A 12 -0.88 -0.51 -4.32
N ILE A 13 -0.86 -0.71 -2.93
CA ILE A 13 -1.99 -1.31 -2.11
C ILE A 13 -2.05 -0.73 -0.67
N THR A 14 -3.33 -0.48 -0.19
CA THR A 14 -3.65 0.06 1.18
C THR A 14 -4.69 -0.84 1.93
N LEU A 15 -4.50 -0.91 3.30
CA LEU A 15 -5.34 -1.68 4.26
C LEU A 15 -5.97 -0.75 5.34
N GLU A 16 -7.31 -1.02 5.61
CA GLU A 16 -8.17 -0.27 6.59
C GLU A 16 -8.84 -1.21 7.63
N VAL A 17 -8.92 -0.68 8.92
CA VAL A 17 -9.51 -1.39 10.12
C VAL A 17 -10.75 -0.64 10.68
N MET A 1 -7.95 2.73 10.89
CA MET A 1 -6.57 3.17 10.52
C MET A 1 -6.26 2.94 9.01
N GLN A 2 -5.47 3.94 8.43
CA GLN A 2 -5.02 3.96 7.01
C GLN A 2 -3.48 4.19 6.96
N ILE A 3 -2.78 3.25 6.20
CA ILE A 3 -1.29 3.21 5.96
C ILE A 3 -0.98 2.62 4.57
N PHE A 4 -0.22 3.45 3.75
CA PHE A 4 0.20 3.15 2.34
C PHE A 4 1.52 2.34 2.26
N VAL A 5 1.57 1.41 1.21
CA VAL A 5 2.74 0.50 0.90
C VAL A 5 2.95 0.36 -0.64
N LYS A 6 4.26 0.56 -1.08
CA LYS A 6 4.74 0.50 -2.50
C LYS A 6 6.03 -0.36 -2.65
N THR A 7 6.10 -1.13 -3.81
CA THR A 7 7.25 -2.04 -4.20
C THR A 7 8.01 -1.52 -5.49
N LEU A 8 9.30 -2.06 -5.67
CA LEU A 8 10.25 -1.76 -6.82
C LEU A 8 9.76 -2.28 -8.23
N ASP A 9 8.84 -3.34 -8.22
CA ASP A 9 8.21 -3.99 -9.44
C ASP A 9 7.16 -3.09 -10.15
N GLY A 10 6.32 -2.32 -9.32
CA GLY A 10 5.26 -1.39 -9.79
C GLY A 10 3.86 -1.79 -9.35
N LYS A 11 3.62 -1.74 -7.99
CA LYS A 11 2.30 -2.08 -7.31
C LYS A 11 1.95 -1.04 -6.20
N THR A 12 0.60 -0.75 -6.07
CA THR A 12 0.01 0.19 -5.07
C THR A 12 -1.26 -0.45 -4.43
N ILE A 13 -1.20 -0.56 -3.03
CA ILE A 13 -2.27 -1.17 -2.15
C ILE A 13 -2.32 -0.47 -0.76
N THR A 14 -3.60 -0.19 -0.29
CA THR A 14 -3.93 0.48 1.03
C THR A 14 -4.29 -0.55 2.12
N LEU A 15 -3.86 -0.22 3.41
CA LEU A 15 -4.12 -1.02 4.63
C LEU A 15 -5.25 -0.28 5.43
N GLU A 16 -6.50 -0.86 5.28
CA GLU A 16 -7.78 -0.33 5.87
C GLU A 16 -8.51 -1.39 6.75
N VAL A 17 -9.13 -0.87 7.88
CA VAL A 17 -9.91 -1.68 8.90
C VAL A 17 -11.28 -1.01 9.24
N MET A 1 -7.80 3.12 10.92
CA MET A 1 -6.39 3.37 10.54
C MET A 1 -6.12 3.12 9.03
N GLN A 2 -5.18 3.99 8.45
CA GLN A 2 -4.72 3.94 7.03
C GLN A 2 -3.18 4.01 6.97
N ILE A 3 -2.59 3.03 6.17
CA ILE A 3 -1.11 2.84 5.94
C ILE A 3 -0.85 2.32 4.50
N PHE A 4 0.04 3.09 3.77
CA PHE A 4 0.45 2.85 2.35
C PHE A 4 1.83 2.13 2.24
N VAL A 5 1.93 1.23 1.18
CA VAL A 5 3.15 0.40 0.84
C VAL A 5 3.33 0.38 -0.71
N LYS A 6 4.62 0.68 -1.16
CA LYS A 6 5.05 0.75 -2.59
C LYS A 6 6.34 -0.09 -2.86
N THR A 7 6.37 -0.72 -4.09
CA THR A 7 7.48 -1.59 -4.64
C THR A 7 7.95 -1.09 -6.03
N LEU A 8 9.32 -1.23 -6.30
CA LEU A 8 10.06 -0.82 -7.57
C LEU A 8 9.54 -1.51 -8.90
N ASP A 9 8.78 -2.68 -8.73
CA ASP A 9 8.16 -3.51 -9.85
C ASP A 9 6.91 -2.83 -10.48
N GLY A 10 6.03 -2.18 -9.60
CA GLY A 10 4.79 -1.46 -10.00
C GLY A 10 3.54 -1.98 -9.32
N LYS A 11 3.57 -1.95 -7.92
CA LYS A 11 2.47 -2.42 -7.00
C LYS A 11 2.23 -1.43 -5.82
N THR A 12 0.90 -1.29 -5.42
CA THR A 12 0.39 -0.43 -4.31
C THR A 12 -0.71 -1.20 -3.51
N ILE A 13 -0.48 -1.28 -2.13
CA ILE A 13 -1.36 -1.99 -1.15
C ILE A 13 -1.61 -1.09 0.13
N THR A 14 -2.95 -0.90 0.46
CA THR A 14 -3.47 -0.09 1.62
C THR A 14 -4.24 -0.97 2.64
N LEU A 15 -4.11 -0.55 3.97
CA LEU A 15 -4.79 -1.19 5.12
C LEU A 15 -5.93 -0.22 5.57
N GLU A 16 -7.22 -0.69 5.30
CA GLU A 16 -8.49 0.06 5.56
C GLU A 16 -9.52 -0.80 6.34
N VAL A 17 -10.27 -0.08 7.28
CA VAL A 17 -11.35 -0.67 8.17
C VAL A 17 -12.77 -0.48 7.56
N MET A 1 -8.20 3.05 10.37
CA MET A 1 -6.76 3.41 10.09
C MET A 1 -6.32 3.03 8.65
N GLN A 2 -5.56 4.01 8.00
CA GLN A 2 -4.99 3.88 6.63
C GLN A 2 -3.45 4.12 6.67
N ILE A 3 -2.72 3.13 6.04
CA ILE A 3 -1.22 3.08 5.92
C ILE A 3 -0.82 2.49 4.54
N PHE A 4 -0.03 3.33 3.76
CA PHE A 4 0.45 3.03 2.39
C PHE A 4 1.92 2.54 2.34
N VAL A 5 2.15 1.55 1.40
CA VAL A 5 3.48 0.87 1.10
C VAL A 5 3.59 0.54 -0.41
N LYS A 6 4.75 1.00 -1.03
CA LYS A 6 5.08 0.84 -2.48
C LYS A 6 6.23 -0.17 -2.73
N THR A 7 6.09 -0.93 -3.89
CA THR A 7 7.04 -1.98 -4.40
C THR A 7 7.73 -1.52 -5.73
N LEU A 8 9.05 -1.96 -5.90
CA LEU A 8 9.95 -1.67 -7.09
C LEU A 8 9.41 -2.21 -8.49
N ASP A 9 8.43 -3.21 -8.42
CA ASP A 9 7.75 -3.88 -9.60
C ASP A 9 6.74 -2.94 -10.34
N GLY A 10 5.99 -2.07 -9.52
CA GLY A 10 4.99 -1.08 -10.01
C GLY A 10 3.55 -1.39 -9.62
N LYS A 11 3.32 -1.63 -8.26
CA LYS A 11 1.98 -1.95 -7.62
C LYS A 11 1.86 -1.30 -6.21
N THR A 12 0.65 -0.64 -5.96
CA THR A 12 0.29 0.07 -4.68
C THR A 12 -0.66 -0.80 -3.82
N ILE A 13 -0.32 -0.85 -2.46
CA ILE A 13 -1.05 -1.63 -1.40
C ILE A 13 -1.25 -0.77 -0.09
N THR A 14 -2.55 -0.75 0.42
CA THR A 14 -3.00 -0.02 1.66
C THR A 14 -3.95 -0.92 2.56
N LEU A 15 -3.87 -0.66 3.92
CA LEU A 15 -4.68 -1.35 4.98
C LEU A 15 -5.87 -0.44 5.42
N GLU A 16 -7.11 -1.09 5.41
CA GLU A 16 -8.43 -0.46 5.77
C GLU A 16 -9.27 -1.35 6.72
N VAL A 17 -10.00 -0.66 7.68
CA VAL A 17 -10.89 -1.28 8.73
C VAL A 17 -12.27 -0.56 8.82
N MET A 1 -8.19 3.34 10.37
CA MET A 1 -6.74 3.49 10.10
C MET A 1 -6.38 3.24 8.60
N GLN A 2 -5.37 4.05 8.10
CA GLN A 2 -4.81 4.01 6.72
C GLN A 2 -3.26 3.98 6.77
N ILE A 3 -2.69 2.97 6.03
CA ILE A 3 -1.21 2.68 5.90
C ILE A 3 -0.92 2.12 4.49
N PHE A 4 -0.03 2.89 3.74
CA PHE A 4 0.40 2.63 2.34
C PHE A 4 1.82 2.01 2.24
N VAL A 5 1.97 1.07 1.22
CA VAL A 5 3.24 0.31 0.87
C VAL A 5 3.42 0.22 -0.67
N LYS A 6 4.67 0.59 -1.14
CA LYS A 6 5.10 0.60 -2.58
C LYS A 6 6.37 -0.27 -2.83
N THR A 7 6.36 -0.93 -4.05
CA THR A 7 7.45 -1.82 -4.59
C THR A 7 8.03 -1.26 -5.92
N LEU A 8 9.40 -1.50 -6.12
CA LEU A 8 10.22 -1.06 -7.34
C LEU A 8 9.72 -1.68 -8.72
N ASP A 9 8.92 -2.82 -8.64
CA ASP A 9 8.31 -3.57 -9.81
C ASP A 9 7.12 -2.82 -10.46
N GLY A 10 6.25 -2.14 -9.59
CA GLY A 10 5.06 -1.36 -10.02
C GLY A 10 3.75 -1.83 -9.41
N LYS A 11 3.67 -1.80 -8.01
CA LYS A 11 2.48 -2.21 -7.18
C LYS A 11 2.20 -1.20 -6.03
N THR A 12 0.85 -0.99 -5.75
CA THR A 12 0.31 -0.08 -4.67
C THR A 12 -0.87 -0.76 -3.94
N ILE A 13 -0.75 -0.83 -2.55
CA ILE A 13 -1.74 -1.47 -1.60
C ILE A 13 -1.81 -0.74 -0.23
N THR A 14 -3.10 -0.60 0.29
CA THR A 14 -3.44 0.06 1.61
C THR A 14 -4.43 -0.83 2.47
N LEU A 15 -4.27 -0.71 3.84
CA LEU A 15 -5.08 -1.41 4.88
C LEU A 15 -6.04 -0.42 5.59
N GLU A 16 -7.37 -0.86 5.66
CA GLU A 16 -8.51 -0.10 6.26
C GLU A 16 -9.38 -0.99 7.18
N VAL A 17 -9.85 -0.35 8.34
CA VAL A 17 -10.73 -0.99 9.40
C VAL A 17 -12.14 -0.36 9.45
N MET A 1 -8.83 3.45 10.33
CA MET A 1 -7.39 3.76 10.14
C MET A 1 -6.92 3.48 8.69
N GLN A 2 -5.97 4.38 8.20
CA GLN A 2 -5.34 4.34 6.86
C GLN A 2 -3.78 4.41 6.99
N ILE A 3 -3.11 3.41 6.30
CA ILE A 3 -1.61 3.21 6.25
C ILE A 3 -1.23 2.62 4.86
N PHE A 4 -0.37 3.43 4.12
CA PHE A 4 0.14 3.15 2.74
C PHE A 4 1.45 2.33 2.70
N VAL A 5 1.54 1.43 1.64
CA VAL A 5 2.71 0.52 1.35
C VAL A 5 2.93 0.38 -0.18
N LYS A 6 4.25 0.55 -0.60
CA LYS A 6 4.72 0.49 -2.02
C LYS A 6 5.78 -0.64 -2.26
N THR A 7 5.67 -1.27 -3.50
CA THR A 7 6.56 -2.38 -4.01
C THR A 7 7.44 -1.89 -5.19
N LEU A 8 8.73 -2.46 -5.24
CA LEU A 8 9.81 -2.16 -6.28
C LEU A 8 9.45 -2.65 -7.75
N ASP A 9 8.41 -3.58 -7.86
CA ASP A 9 7.88 -4.19 -9.15
C ASP A 9 7.10 -3.16 -10.04
N GLY A 10 6.31 -2.21 -9.35
CA GLY A 10 5.52 -1.14 -10.00
C GLY A 10 4.00 -1.30 -9.82
N LYS A 11 3.56 -1.50 -8.51
CA LYS A 11 2.11 -1.68 -8.07
C LYS A 11 1.85 -1.01 -6.69
N THR A 12 0.70 -0.23 -6.62
CA THR A 12 0.24 0.53 -5.39
C THR A 12 -1.12 -0.03 -4.87
N ILE A 13 -1.16 -0.28 -3.50
CA ILE A 13 -2.34 -0.83 -2.72
C ILE A 13 -2.35 -0.32 -1.25
N THR A 14 -3.60 0.04 -0.75
CA THR A 14 -3.87 0.56 0.64
C THR A 14 -4.09 -0.60 1.65
N LEU A 15 -3.54 -0.37 2.91
CA LEU A 15 -3.66 -1.30 4.07
C LEU A 15 -4.57 -0.60 5.13
N GLU A 16 -5.85 -1.17 5.23
CA GLU A 16 -6.95 -0.67 6.10
C GLU A 16 -7.53 -1.78 7.02
N VAL A 17 -7.90 -1.35 8.29
CA VAL A 17 -8.49 -2.24 9.39
C VAL A 17 -9.59 -1.49 10.20
N MET A 1 -8.03 5.04 10.54
CA MET A 1 -6.59 4.91 10.14
C MET A 1 -6.39 4.25 8.74
N GLN A 2 -5.33 4.76 8.00
CA GLN A 2 -4.91 4.29 6.65
C GLN A 2 -3.38 4.06 6.64
N ILE A 3 -3.00 2.82 6.12
CA ILE A 3 -1.59 2.33 6.02
C ILE A 3 -1.29 1.90 4.53
N PHE A 4 -0.30 2.64 3.91
CA PHE A 4 0.17 2.45 2.49
C PHE A 4 1.56 1.77 2.40
N VAL A 5 1.69 0.89 1.34
CA VAL A 5 2.93 0.09 0.99
C VAL A 5 3.23 0.16 -0.54
N LYS A 6 4.54 0.47 -0.87
CA LYS A 6 5.08 0.62 -2.26
C LYS A 6 6.21 -0.42 -2.56
N THR A 7 6.20 -0.91 -3.86
CA THR A 7 7.17 -1.90 -4.45
C THR A 7 7.90 -1.31 -5.69
N LEU A 8 9.23 -1.73 -5.84
CA LEU A 8 10.18 -1.31 -6.96
C LEU A 8 9.78 -1.86 -8.40
N ASP A 9 8.90 -2.96 -8.42
CA ASP A 9 8.36 -3.63 -9.67
C ASP A 9 7.29 -2.77 -10.42
N GLY A 10 6.38 -2.07 -9.61
CA GLY A 10 5.29 -1.18 -10.14
C GLY A 10 3.90 -1.56 -9.64
N LYS A 11 3.75 -1.63 -8.26
CA LYS A 11 2.46 -1.99 -7.53
C LYS A 11 2.25 -1.09 -6.28
N THR A 12 0.93 -0.72 -6.03
CA THR A 12 0.44 0.11 -4.88
C THR A 12 -0.87 -0.48 -4.30
N ILE A 13 -0.85 -0.71 -2.92
CA ILE A 13 -1.98 -1.32 -2.11
C ILE A 13 -2.03 -0.76 -0.66
N THR A 14 -3.30 -0.50 -0.17
CA THR A 14 -3.63 0.03 1.21
C THR A 14 -4.62 -0.92 1.97
N LEU A 15 -4.42 -0.97 3.33
CA LEU A 15 -5.22 -1.78 4.31
C LEU A 15 -5.87 -0.87 5.38
N GLU A 16 -7.22 -1.16 5.63
CA GLU A 16 -8.11 -0.43 6.60
C GLU A 16 -8.87 -1.41 7.54
N VAL A 17 -9.01 -0.95 8.85
CA VAL A 17 -9.70 -1.71 9.97
C VAL A 17 -11.15 -1.19 10.22
N MET A 1 -8.30 3.60 10.44
CA MET A 1 -6.84 3.74 10.16
C MET A 1 -6.50 3.45 8.66
N GLN A 2 -5.52 4.27 8.13
CA GLN A 2 -4.98 4.19 6.73
C GLN A 2 -3.44 4.14 6.76
N ILE A 3 -2.89 3.09 6.02
CA ILE A 3 -1.42 2.78 5.87
C ILE A 3 -1.16 2.21 4.46
N PHE A 4 -0.23 2.93 3.72
CA PHE A 4 0.18 2.62 2.31
C PHE A 4 1.55 1.89 2.23
N VAL A 5 1.62 0.93 1.23
CA VAL A 5 2.82 0.06 0.90
C VAL A 5 3.10 0.06 -0.63
N LYS A 6 4.40 0.37 -0.99
CA LYS A 6 4.94 0.45 -2.39
C LYS A 6 6.24 -0.38 -2.57
N THR A 7 6.34 -1.02 -3.81
CA THR A 7 7.50 -1.87 -4.26
C THR A 7 8.12 -1.35 -5.63
N LEU A 8 9.44 -1.73 -5.85
CA LEU A 8 10.29 -1.37 -7.07
C LEU A 8 9.80 -2.03 -8.43
N ASP A 9 8.93 -3.13 -8.30
CA ASP A 9 8.31 -3.90 -9.45
C ASP A 9 7.18 -3.10 -10.19
N GLY A 10 6.35 -2.30 -9.39
CA GLY A 10 5.24 -1.46 -9.88
C GLY A 10 3.88 -1.84 -9.32
N LYS A 11 3.73 -1.67 -7.95
CA LYS A 11 2.48 -1.96 -7.15
C LYS A 11 2.16 -0.83 -6.14
N THR A 12 0.80 -0.54 -5.98
CA THR A 12 0.21 0.47 -5.05
C THR A 12 -1.13 -0.08 -4.46
N ILE A 13 -1.08 -0.36 -3.09
CA ILE A 13 -2.22 -0.94 -2.26
C ILE A 13 -2.18 -0.45 -0.78
N THR A 14 -3.42 -0.14 -0.23
CA THR A 14 -3.66 0.34 1.18
C THR A 14 -4.56 -0.67 1.98
N LEU A 15 -4.22 -0.78 3.31
CA LEU A 15 -4.92 -1.64 4.32
C LEU A 15 -5.67 -0.75 5.34
N GLU A 16 -7.02 -1.09 5.54
CA GLU A 16 -7.98 -0.38 6.44
C GLU A 16 -8.68 -1.35 7.42
N VAL A 17 -8.89 -0.84 8.70
CA VAL A 17 -9.56 -1.57 9.85
C VAL A 17 -10.69 -0.72 10.49
N MET A 1 -8.46 5.15 10.87
CA MET A 1 -6.98 5.06 10.62
C MET A 1 -6.64 4.32 9.30
N GLN A 2 -5.65 4.91 8.52
CA GLN A 2 -5.12 4.40 7.21
C GLN A 2 -3.58 4.39 7.19
N ILE A 3 -3.02 3.28 6.55
CA ILE A 3 -1.57 3.02 6.35
C ILE A 3 -1.30 2.50 4.91
N PHE A 4 -0.38 3.24 4.19
CA PHE A 4 0.03 2.99 2.77
C PHE A 4 1.33 2.16 2.65
N VAL A 5 1.36 1.29 1.56
CA VAL A 5 2.51 0.36 1.20
C VAL A 5 2.73 0.31 -0.34
N LYS A 6 4.05 0.43 -0.75
CA LYS A 6 4.54 0.43 -2.17
C LYS A 6 5.63 -0.64 -2.42
N THR A 7 5.56 -1.25 -3.67
CA THR A 7 6.49 -2.33 -4.20
C THR A 7 7.45 -1.79 -5.28
N LEU A 8 8.73 -2.37 -5.29
CA LEU A 8 9.88 -2.02 -6.23
C LEU A 8 9.62 -2.42 -7.73
N ASP A 9 8.65 -3.41 -7.96
CA ASP A 9 8.23 -3.95 -9.31
C ASP A 9 7.37 -2.94 -10.15
N GLY A 10 6.44 -2.17 -9.43
CA GLY A 10 5.55 -1.14 -10.03
C GLY A 10 4.07 -1.39 -9.78
N LYS A 11 3.70 -1.59 -8.44
CA LYS A 11 2.30 -1.85 -7.94
C LYS A 11 2.00 -1.02 -6.66
N THR A 12 0.69 -0.53 -6.56
CA THR A 12 0.16 0.29 -5.42
C THR A 12 -1.18 -0.31 -4.91
N ILE A 13 -1.23 -0.53 -3.53
CA ILE A 13 -2.39 -1.11 -2.74
C ILE A 13 -2.40 -0.59 -1.28
N THR A 14 -3.64 -0.19 -0.79
CA THR A 14 -3.91 0.34 0.60
C THR A 14 -4.15 -0.80 1.63
N LEU A 15 -3.60 -0.55 2.90
CA LEU A 15 -3.74 -1.43 4.07
C LEU A 15 -4.73 -0.73 5.05
N GLU A 16 -5.97 -1.37 5.17
CA GLU A 16 -7.12 -0.88 5.99
C GLU A 16 -7.69 -1.98 6.92
N VAL A 17 -8.11 -1.53 8.16
CA VAL A 17 -8.71 -2.38 9.26
C VAL A 17 -10.26 -2.27 9.30
N MET A 1 -8.78 3.48 10.39
CA MET A 1 -7.33 3.76 10.18
C MET A 1 -6.87 3.49 8.71
N GLN A 2 -5.92 4.39 8.24
CA GLN A 2 -5.29 4.35 6.89
C GLN A 2 -3.75 4.41 7.01
N ILE A 3 -3.08 3.41 6.30
CA ILE A 3 -1.58 3.21 6.24
C ILE A 3 -1.21 2.64 4.85
N PHE A 4 -0.33 3.44 4.12
CA PHE A 4 0.15 3.17 2.73
C PHE A 4 1.48 2.38 2.70
N VAL A 5 1.58 1.46 1.64
CA VAL A 5 2.76 0.56 1.34
C VAL A 5 2.98 0.41 -0.19
N LYS A 6 4.29 0.60 -0.62
CA LYS A 6 4.75 0.52 -2.04
C LYS A 6 5.80 -0.60 -2.27
N THR A 7 5.70 -1.24 -3.51
CA THR A 7 6.58 -2.35 -4.02
C THR A 7 7.47 -1.89 -5.21
N LEU A 8 8.75 -2.44 -5.27
CA LEU A 8 9.81 -2.15 -6.31
C LEU A 8 9.45 -2.65 -7.78
N ASP A 9 8.41 -3.60 -7.86
CA ASP A 9 7.86 -4.21 -9.14
C ASP A 9 7.07 -3.19 -10.03
N GLY A 10 6.29 -2.25 -9.33
CA GLY A 10 5.48 -1.18 -9.98
C GLY A 10 3.97 -1.35 -9.79
N LYS A 11 3.53 -1.54 -8.48
CA LYS A 11 2.09 -1.71 -8.04
C LYS A 11 1.84 -1.04 -6.66
N THR A 12 0.68 -0.25 -6.59
CA THR A 12 0.23 0.51 -5.37
C THR A 12 -1.13 -0.03 -4.84
N ILE A 13 -1.17 -0.28 -3.47
CA ILE A 13 -2.36 -0.83 -2.69
C ILE A 13 -2.37 -0.32 -1.23
N THR A 14 -3.62 0.06 -0.73
CA THR A 14 -3.89 0.57 0.66
C THR A 14 -4.12 -0.58 1.67
N LEU A 15 -3.57 -0.36 2.94
CA LEU A 15 -3.68 -1.27 4.10
C LEU A 15 -4.58 -0.57 5.15
N GLU A 16 -5.86 -1.14 5.27
CA GLU A 16 -6.96 -0.63 6.15
C GLU A 16 -7.53 -1.73 7.08
N VAL A 17 -7.89 -1.30 8.36
CA VAL A 17 -8.46 -2.14 9.44
C VAL A 17 -10.03 -2.16 9.35
N MET A 1 -7.88 2.73 11.00
CA MET A 1 -6.46 3.15 10.67
C MET A 1 -6.11 2.91 9.17
N GLN A 2 -5.43 3.96 8.56
CA GLN A 2 -4.95 3.96 7.15
C GLN A 2 -3.42 4.18 7.10
N ILE A 3 -2.73 3.24 6.33
CA ILE A 3 -1.24 3.19 6.10
C ILE A 3 -0.94 2.64 4.68
N PHE A 4 -0.18 3.50 3.88
CA PHE A 4 0.23 3.24 2.46
C PHE A 4 1.56 2.45 2.36
N VAL A 5 1.62 1.55 1.30
CA VAL A 5 2.80 0.65 0.97
C VAL A 5 3.02 0.57 -0.57
N LYS A 6 4.34 0.75 -0.98
CA LYS A 6 4.83 0.73 -2.39
C LYS A 6 6.01 -0.27 -2.60
N THR A 7 6.00 -0.91 -3.83
CA THR A 7 7.02 -1.92 -4.32
C THR A 7 7.74 -1.43 -5.61
N LEU A 8 9.09 -1.80 -5.73
CA LEU A 8 10.02 -1.46 -6.88
C LEU A 8 9.62 -2.11 -8.26
N ASP A 9 8.77 -3.22 -8.21
CA ASP A 9 8.24 -4.01 -9.39
C ASP A 9 7.16 -3.24 -10.21
N GLY A 10 6.24 -2.48 -9.47
CA GLY A 10 5.16 -1.65 -10.06
C GLY A 10 3.76 -2.02 -9.55
N LYS A 11 3.60 -1.98 -8.15
CA LYS A 11 2.33 -2.28 -7.40
C LYS A 11 2.09 -1.28 -6.23
N THR A 12 0.76 -0.93 -6.03
CA THR A 12 0.26 -0.01 -4.95
C THR A 12 -1.02 -0.59 -4.30
N ILE A 13 -1.00 -0.65 -2.90
CA ILE A 13 -2.12 -1.20 -2.02
C ILE A 13 -2.19 -0.46 -0.65
N THR A 14 -3.48 -0.17 -0.22
CA THR A 14 -3.83 0.52 1.08
C THR A 14 -4.27 -0.50 2.17
N LEU A 15 -3.85 -0.18 3.46
CA LEU A 15 -4.18 -0.96 4.67
C LEU A 15 -5.33 -0.22 5.43
N GLU A 16 -6.59 -0.77 5.22
CA GLU A 16 -7.87 -0.23 5.76
C GLU A 16 -8.66 -1.29 6.58
N VAL A 17 -9.34 -0.79 7.68
CA VAL A 17 -10.18 -1.58 8.64
C VAL A 17 -11.66 -1.69 8.12
N MET A 1 -8.63 3.24 10.28
CA MET A 1 -7.20 3.58 10.06
C MET A 1 -6.73 3.29 8.60
N GLN A 2 -5.83 4.22 8.09
CA GLN A 2 -5.20 4.18 6.74
C GLN A 2 -3.66 4.34 6.86
N ILE A 3 -2.93 3.36 6.20
CA ILE A 3 -1.43 3.25 6.14
C ILE A 3 -1.02 2.63 4.77
N PHE A 4 -0.21 3.44 4.00
CA PHE A 4 0.29 3.13 2.62
C PHE A 4 1.59 2.30 2.61
N VAL A 5 1.64 1.29 1.63
CA VAL A 5 2.77 0.34 1.39
C VAL A 5 3.01 0.23 -0.17
N LYS A 6 4.29 0.54 -0.60
CA LYS A 6 4.76 0.53 -2.02
C LYS A 6 5.86 -0.55 -2.27
N THR A 7 5.78 -1.16 -3.52
CA THR A 7 6.70 -2.23 -4.06
C THR A 7 7.52 -1.73 -5.28
N LEU A 8 8.83 -2.21 -5.37
CA LEU A 8 9.85 -1.88 -6.46
C LEU A 8 9.46 -2.41 -7.90
N ASP A 9 8.47 -3.40 -7.96
CA ASP A 9 7.92 -4.05 -9.22
C ASP A 9 7.05 -3.08 -10.08
N GLY A 10 6.24 -2.17 -9.38
CA GLY A 10 5.36 -1.14 -10.01
C GLY A 10 3.87 -1.38 -9.76
N LYS A 11 3.49 -1.59 -8.43
CA LYS A 11 2.06 -1.83 -7.95
C LYS A 11 1.83 -1.15 -6.56
N THR A 12 0.66 -0.41 -6.46
CA THR A 12 0.21 0.34 -5.23
C THR A 12 -1.12 -0.24 -4.67
N ILE A 13 -1.13 -0.44 -3.29
CA ILE A 13 -2.29 -1.01 -2.48
C ILE A 13 -2.31 -0.42 -1.03
N THR A 14 -3.57 -0.05 -0.56
CA THR A 14 -3.85 0.53 0.81
C THR A 14 -4.12 -0.58 1.86
N LEU A 15 -3.60 -0.32 3.13
CA LEU A 15 -3.77 -1.19 4.32
C LEU A 15 -4.73 -0.46 5.30
N GLU A 16 -6.03 -0.98 5.31
CA GLU A 16 -7.17 -0.44 6.11
C GLU A 16 -7.83 -1.51 7.01
N VAL A 17 -8.26 -1.04 8.26
CA VAL A 17 -8.92 -1.87 9.31
C VAL A 17 -10.50 -1.82 9.12
N MET A 1 -8.86 3.83 10.06
CA MET A 1 -7.39 4.01 9.94
C MET A 1 -6.87 3.72 8.50
N GLN A 2 -5.83 4.57 8.08
CA GLN A 2 -5.14 4.49 6.77
C GLN A 2 -3.61 4.49 6.97
N ILE A 3 -2.95 3.46 6.30
CA ILE A 3 -1.46 3.19 6.31
C ILE A 3 -1.05 2.56 4.95
N PHE A 4 -0.13 3.31 4.23
CA PHE A 4 0.40 2.98 2.87
C PHE A 4 1.64 2.07 2.89
N VAL A 5 1.68 1.14 1.85
CA VAL A 5 2.78 0.13 1.58
C VAL A 5 2.96 -0.07 0.05
N LYS A 6 4.27 0.09 -0.41
CA LYS A 6 4.70 -0.02 -1.84
C LYS A 6 5.79 -1.11 -2.06
N THR A 7 5.66 -1.81 -3.25
CA THR A 7 6.58 -2.91 -3.74
C THR A 7 7.77 -2.36 -4.59
N LEU A 8 7.54 -1.15 -5.31
CA LEU A 8 8.51 -0.37 -6.23
C LEU A 8 8.70 -1.04 -7.65
N ASP A 9 8.17 -2.34 -7.80
CA ASP A 9 8.20 -3.17 -9.06
C ASP A 9 7.23 -2.65 -10.17
N GLY A 10 6.00 -2.14 -9.73
CA GLY A 10 4.94 -1.58 -10.63
C GLY A 10 3.59 -1.34 -9.93
N LYS A 11 3.08 -2.41 -9.21
CA LYS A 11 1.76 -2.44 -8.46
C LYS A 11 1.79 -1.63 -7.11
N THR A 12 0.59 -0.99 -6.78
CA THR A 12 0.34 -0.17 -5.55
C THR A 12 -1.06 -0.52 -4.93
N ILE A 13 -1.05 -0.74 -3.55
CA ILE A 13 -2.27 -1.12 -2.71
C ILE A 13 -2.19 -0.57 -1.26
N THR A 14 -3.40 -0.07 -0.76
CA THR A 14 -3.59 0.50 0.63
C THR A 14 -3.93 -0.61 1.66
N LEU A 15 -3.37 -0.41 2.94
CA LEU A 15 -3.58 -1.29 4.11
C LEU A 15 -4.50 -0.52 5.11
N GLU A 16 -5.81 -1.01 5.16
CA GLU A 16 -6.92 -0.42 5.98
C GLU A 16 -7.59 -1.47 6.91
N VAL A 17 -7.99 -0.99 8.16
CA VAL A 17 -8.65 -1.78 9.24
C VAL A 17 -10.03 -1.13 9.61
N MET A 1 -8.24 5.00 10.30
CA MET A 1 -6.80 4.95 9.92
C MET A 1 -6.58 4.20 8.56
N GLN A 2 -5.53 4.69 7.79
CA GLN A 2 -5.07 4.16 6.47
C GLN A 2 -3.53 4.05 6.48
N ILE A 3 -3.03 2.81 6.08
CA ILE A 3 -1.60 2.45 6.03
C ILE A 3 -1.22 1.96 4.57
N PHE A 4 -0.30 2.76 3.91
CA PHE A 4 0.20 2.56 2.52
C PHE A 4 1.59 1.87 2.48
N VAL A 5 1.72 0.89 1.48
CA VAL A 5 2.94 0.07 1.21
C VAL A 5 3.21 0.05 -0.35
N LYS A 6 4.48 0.48 -0.74
CA LYS A 6 4.98 0.55 -2.15
C LYS A 6 6.12 -0.47 -2.42
N THR A 7 6.09 -1.04 -3.70
CA THR A 7 7.08 -2.05 -4.25
C THR A 7 7.82 -1.49 -5.50
N LEU A 8 9.15 -1.90 -5.64
CA LEU A 8 10.11 -1.51 -6.76
C LEU A 8 9.70 -2.07 -8.18
N ASP A 9 8.78 -3.14 -8.19
CA ASP A 9 8.23 -3.83 -9.42
C ASP A 9 7.22 -2.95 -10.22
N GLY A 10 6.33 -2.17 -9.46
CA GLY A 10 5.30 -1.25 -10.02
C GLY A 10 3.89 -1.56 -9.56
N LYS A 11 3.68 -1.55 -8.18
CA LYS A 11 2.38 -1.81 -7.47
C LYS A 11 2.12 -0.80 -6.32
N THR A 12 0.78 -0.42 -6.17
CA THR A 12 0.26 0.52 -5.12
C THR A 12 -1.11 -0.01 -4.59
N ILE A 13 -1.11 -0.36 -3.24
CA ILE A 13 -2.28 -0.94 -2.46
C ILE A 13 -2.21 -0.54 -0.95
N THR A 14 -3.43 -0.18 -0.39
CA THR A 14 -3.62 0.22 1.05
C THR A 14 -4.54 -0.78 1.84
N LEU A 15 -4.20 -0.93 3.18
CA LEU A 15 -4.91 -1.80 4.17
C LEU A 15 -5.56 -0.95 5.28
N GLU A 16 -6.87 -1.30 5.59
CA GLU A 16 -7.74 -0.63 6.62
C GLU A 16 -8.38 -1.65 7.60
N VAL A 17 -8.47 -1.20 8.92
CA VAL A 17 -9.06 -1.99 10.07
C VAL A 17 -10.52 -1.57 10.38
N MET A 1 -8.66 3.71 10.42
CA MET A 1 -7.19 3.91 10.18
C MET A 1 -6.79 3.62 8.72
N GLN A 2 -5.79 4.46 8.22
CA GLN A 2 -5.18 4.39 6.86
C GLN A 2 -3.64 4.38 6.95
N ILE A 3 -3.03 3.35 6.25
CA ILE A 3 -1.54 3.08 6.17
C ILE A 3 -1.22 2.47 4.78
N PHE A 4 -0.33 3.21 4.01
CA PHE A 4 0.11 2.89 2.62
C PHE A 4 1.38 2.00 2.58
N VAL A 5 1.38 1.06 1.54
CA VAL A 5 2.46 0.06 1.25
C VAL A 5 2.77 0.07 -0.29
N LYS A 6 4.10 0.34 -0.65
CA LYS A 6 4.64 0.41 -2.04
C LYS A 6 5.72 -0.67 -2.32
N THR A 7 5.69 -1.19 -3.61
CA THR A 7 6.61 -2.25 -4.17
C THR A 7 7.51 -1.67 -5.30
N LEU A 8 8.81 -2.19 -5.35
CA LEU A 8 9.90 -1.81 -6.35
C LEU A 8 9.60 -2.28 -7.83
N ASP A 9 8.68 -3.32 -7.99
CA ASP A 9 8.22 -3.92 -9.31
C ASP A 9 7.32 -2.98 -10.14
N GLY A 10 6.41 -2.18 -9.43
CA GLY A 10 5.48 -1.19 -10.04
C GLY A 10 4.00 -1.46 -9.72
N LYS A 11 3.69 -1.61 -8.37
CA LYS A 11 2.31 -1.86 -7.80
C LYS A 11 2.06 -1.00 -6.53
N THR A 12 0.75 -0.52 -6.41
CA THR A 12 0.24 0.33 -5.27
C THR A 12 -1.15 -0.19 -4.80
N ILE A 13 -1.23 -0.42 -3.42
CA ILE A 13 -2.45 -0.94 -2.67
C ILE A 13 -2.46 -0.43 -1.19
N THR A 14 -3.71 -0.02 -0.71
CA THR A 14 -3.98 0.50 0.67
C THR A 14 -4.24 -0.64 1.68
N LEU A 15 -3.72 -0.43 2.96
CA LEU A 15 -3.87 -1.33 4.12
C LEU A 15 -4.73 -0.58 5.17
N GLU A 16 -6.03 -1.07 5.30
CA GLU A 16 -7.09 -0.51 6.19
C GLU A 16 -7.72 -1.58 7.13
N VAL A 17 -8.05 -1.12 8.40
CA VAL A 17 -8.66 -1.94 9.51
C VAL A 17 -9.71 -1.15 10.31
N MET A 1 -8.37 4.17 10.17
CA MET A 1 -6.88 4.32 9.97
C MET A 1 -6.44 3.86 8.55
N GLN A 2 -5.51 4.70 7.94
CA GLN A 2 -4.89 4.47 6.60
C GLN A 2 -3.35 4.38 6.74
N ILE A 3 -2.80 3.27 6.12
CA ILE A 3 -1.33 2.90 6.10
C ILE A 3 -0.97 2.30 4.72
N PHE A 4 0.02 2.99 4.04
CA PHE A 4 0.52 2.66 2.67
C PHE A 4 1.90 1.96 2.68
N VAL A 5 2.04 0.98 1.70
CA VAL A 5 3.28 0.14 1.45
C VAL A 5 3.47 -0.06 -0.09
N LYS A 6 4.72 0.32 -0.57
CA LYS A 6 5.13 0.27 -2.02
C LYS A 6 6.26 -0.76 -2.28
N THR A 7 6.12 -1.46 -3.48
CA THR A 7 7.05 -2.53 -4.01
C THR A 7 8.16 -1.95 -4.94
N LEU A 8 7.80 -0.82 -5.72
CA LEU A 8 8.66 -0.03 -6.74
C LEU A 8 8.78 -0.78 -8.14
N ASP A 9 8.32 -2.11 -8.19
CA ASP A 9 8.29 -3.01 -9.40
C ASP A 9 7.20 -2.61 -10.44
N GLY A 10 5.98 -2.16 -9.91
CA GLY A 10 4.81 -1.70 -10.73
C GLY A 10 3.43 -2.07 -10.16
N LYS A 11 3.29 -2.00 -8.76
CA LYS A 11 2.02 -2.30 -7.97
C LYS A 11 1.97 -1.47 -6.64
N THR A 12 0.72 -0.91 -6.34
CA THR A 12 0.41 -0.08 -5.12
C THR A 12 -0.91 -0.55 -4.46
N ILE A 13 -0.85 -0.75 -3.07
CA ILE A 13 -1.99 -1.23 -2.19
C ILE A 13 -1.91 -0.65 -0.74
N THR A 14 -3.13 -0.28 -0.18
CA THR A 14 -3.33 0.26 1.21
C THR A 14 -4.26 -0.69 2.05
N LEU A 15 -3.90 -0.78 3.40
CA LEU A 15 -4.61 -1.60 4.43
C LEU A 15 -5.45 -0.68 5.36
N GLU A 16 -6.79 -1.06 5.48
CA GLU A 16 -7.84 -0.35 6.31
C GLU A 16 -8.71 -1.35 7.13
N VAL A 17 -9.11 -0.89 8.38
CA VAL A 17 -9.96 -1.66 9.37
C VAL A 17 -11.48 -1.50 9.09
N MET A 1 -8.55 2.64 10.48
CA MET A 1 -7.15 3.10 10.26
C MET A 1 -6.70 2.95 8.78
N GLN A 2 -5.85 3.97 8.33
CA GLN A 2 -5.25 4.05 6.97
C GLN A 2 -3.71 4.25 7.07
N ILE A 3 -2.97 3.34 6.33
CA ILE A 3 -1.46 3.28 6.24
C ILE A 3 -1.05 2.78 4.83
N PHE A 4 -0.25 3.67 4.12
CA PHE A 4 0.23 3.45 2.71
C PHE A 4 1.57 2.68 2.65
N VAL A 5 1.65 1.77 1.59
CA VAL A 5 2.84 0.87 1.27
C VAL A 5 2.98 0.68 -0.28
N LYS A 6 4.26 0.87 -0.78
CA LYS A 6 4.65 0.76 -2.21
C LYS A 6 5.61 -0.45 -2.48
N THR A 7 5.39 -1.09 -3.70
CA THR A 7 6.17 -2.27 -4.23
C THR A 7 7.23 -1.82 -5.28
N LEU A 8 8.43 -2.54 -5.24
CA LEU A 8 9.64 -2.32 -6.15
C LEU A 8 9.42 -2.76 -7.64
N ASP A 9 8.46 -3.76 -7.87
CA ASP A 9 8.07 -4.33 -9.21
C ASP A 9 7.23 -3.33 -10.09
N GLY A 10 6.31 -2.53 -9.40
CA GLY A 10 5.43 -1.51 -10.03
C GLY A 10 3.94 -1.70 -9.70
N LYS A 11 3.64 -1.76 -8.34
CA LYS A 11 2.27 -1.94 -7.75
C LYS A 11 2.03 -0.98 -6.55
N THR A 12 0.72 -0.48 -6.43
CA THR A 12 0.23 0.44 -5.35
C THR A 12 -1.14 -0.05 -4.81
N ILE A 13 -1.19 -0.23 -3.42
CA ILE A 13 -2.38 -0.72 -2.61
C ILE A 13 -2.34 -0.19 -1.15
N THR A 14 -3.57 0.22 -0.64
CA THR A 14 -3.80 0.76 0.75
C THR A 14 -4.07 -0.39 1.76
N LEU A 15 -3.52 -0.20 3.03
CA LEU A 15 -3.68 -1.11 4.18
C LEU A 15 -4.67 -0.45 5.17
N GLU A 16 -5.95 -1.02 5.15
CA GLU A 16 -7.12 -0.56 5.96
C GLU A 16 -7.75 -1.71 6.79
N VAL A 17 -8.22 -1.32 8.05
CA VAL A 17 -8.88 -2.23 9.06
C VAL A 17 -10.05 -1.52 9.81
N MET A 1 -8.37 3.67 10.32
CA MET A 1 -6.91 3.79 10.05
C MET A 1 -6.55 3.47 8.57
N GLN A 2 -5.53 4.27 8.04
CA GLN A 2 -4.98 4.16 6.66
C GLN A 2 -3.43 4.07 6.71
N ILE A 3 -2.91 3.00 5.99
CA ILE A 3 -1.45 2.65 5.88
C ILE A 3 -1.16 2.10 4.46
N PHE A 4 -0.20 2.81 3.75
CA PHE A 4 0.24 2.54 2.35
C PHE A 4 1.63 1.85 2.27
N VAL A 5 1.74 0.91 1.24
CA VAL A 5 2.98 0.10 0.92
C VAL A 5 3.29 0.14 -0.60
N LYS A 6 4.60 0.49 -0.92
CA LYS A 6 5.14 0.62 -2.31
C LYS A 6 6.27 -0.41 -2.61
N THR A 7 6.26 -0.89 -3.92
CA THR A 7 7.23 -1.89 -4.51
C THR A 7 7.94 -1.31 -5.77
N LEU A 8 9.28 -1.71 -5.95
CA LEU A 8 10.19 -1.30 -7.09
C LEU A 8 9.75 -1.85 -8.50
N ASP A 9 8.88 -2.96 -8.50
CA ASP A 9 8.31 -3.65 -9.72
C ASP A 9 7.22 -2.81 -10.44
N GLY A 10 6.32 -2.11 -9.61
CA GLY A 10 5.22 -1.23 -10.10
C GLY A 10 3.84 -1.61 -9.57
N LYS A 11 3.73 -1.73 -8.19
CA LYS A 11 2.47 -2.07 -7.43
C LYS A 11 2.31 -1.20 -6.16
N THR A 12 0.99 -0.81 -5.89
CA THR A 12 0.53 0.03 -4.72
C THR A 12 -0.80 -0.52 -4.15
N ILE A 13 -0.81 -0.72 -2.77
CA ILE A 13 -1.99 -1.28 -1.95
C ILE A 13 -2.02 -0.69 -0.51
N THR A 14 -3.29 -0.37 -0.05
CA THR A 14 -3.61 0.19 1.32
C THR A 14 -4.57 -0.76 2.12
N LEU A 15 -4.33 -0.79 3.49
CA LEU A 15 -5.11 -1.58 4.48
C LEU A 15 -5.88 -0.64 5.45
N GLU A 16 -7.22 -0.97 5.61
CA GLU A 16 -8.20 -0.21 6.46
C GLU A 16 -8.95 -1.13 7.46
N VAL A 17 -9.19 -0.55 8.71
CA VAL A 17 -9.90 -1.22 9.87
C VAL A 17 -10.91 -0.26 10.57
N MET A 1 -8.56 3.41 10.48
CA MET A 1 -7.11 3.65 10.28
C MET A 1 -6.68 3.43 8.79
N GLN A 2 -5.69 4.30 8.35
CA GLN A 2 -5.07 4.29 6.99
C GLN A 2 -3.53 4.29 7.10
N ILE A 3 -2.91 3.28 6.36
CA ILE A 3 -1.43 3.02 6.27
C ILE A 3 -1.09 2.46 4.86
N PHE A 4 -0.25 3.28 4.12
CA PHE A 4 0.20 3.03 2.71
C PHE A 4 1.48 2.16 2.61
N VAL A 5 1.51 1.29 1.52
CA VAL A 5 2.62 0.33 1.17
C VAL A 5 2.90 0.34 -0.36
N LYS A 6 4.24 0.49 -0.73
CA LYS A 6 4.75 0.54 -2.13
C LYS A 6 5.86 -0.52 -2.40
N THR A 7 5.83 -1.07 -3.69
CA THR A 7 6.78 -2.10 -4.24
C THR A 7 7.59 -1.54 -5.44
N LEU A 8 8.92 -2.00 -5.53
CA LEU A 8 9.92 -1.61 -6.60
C LEU A 8 9.59 -2.19 -8.03
N ASP A 9 8.72 -3.27 -8.08
CA ASP A 9 8.25 -3.99 -9.34
C ASP A 9 7.26 -3.14 -10.20
N GLY A 10 6.34 -2.34 -9.48
CA GLY A 10 5.34 -1.44 -10.11
C GLY A 10 3.89 -1.74 -9.70
N LYS A 11 3.65 -1.81 -8.32
CA LYS A 11 2.32 -2.08 -7.68
C LYS A 11 2.09 -1.15 -6.44
N THR A 12 0.78 -0.70 -6.30
CA THR A 12 0.29 0.20 -5.19
C THR A 12 -1.10 -0.29 -4.67
N ILE A 13 -1.17 -0.48 -3.28
CA ILE A 13 -2.37 -0.97 -2.50
C ILE A 13 -2.39 -0.41 -1.05
N THR A 14 -3.63 0.00 -0.59
CA THR A 14 -3.91 0.56 0.79
C THR A 14 -4.26 -0.56 1.80
N LEU A 15 -3.75 -0.35 3.09
CA LEU A 15 -3.98 -1.24 4.25
C LEU A 15 -4.91 -0.50 5.25
N GLU A 16 -6.21 -1.00 5.28
CA GLU A 16 -7.33 -0.42 6.10
C GLU A 16 -8.01 -1.49 6.99
N VAL A 17 -8.43 -1.02 8.24
CA VAL A 17 -9.11 -1.84 9.30
C VAL A 17 -10.58 -1.31 9.53
#